data_7LL8
#
_entry.id   7LL8
#
_cell.length_a   61.867
_cell.length_b   69.080
_cell.length_c   89.422
_cell.angle_alpha   90.000
_cell.angle_beta   90.000
_cell.angle_gamma   90.000
#
_symmetry.space_group_name_H-M   'P 21 21 21'
#
loop_
_entity.id
_entity.type
_entity.pdbx_description
1 polymer 'Isoform L-VEGF189 of Vascular endothelial growth factor A'
2 polymer RFX-V1
3 water water
#
loop_
_entity_poly.entity_id
_entity_poly.type
_entity_poly.pdbx_seq_one_letter_code
_entity_poly.pdbx_strand_id
1 'polypeptide(L)'
;SGQNHHEVVKFMDVYQRSYCHPIETLVDIFQEYPDEIEYIFKPSCVPLMRCGGCCNDEGLECVPTEESNITMQIMRIKPH
QGQHIGEMSFLQHNKCECRPKKD
;
A,B
2 'polypeptide(D)'
;(DTH)(DIL)(DAS)(DGN)(DTR)(DLE)(DLE)(DLY)(DSG)(DAL)(DLY)(DGL)(DAS)(DAL)(DIL)(DAL)
(DGL)(DLE)(DLY)(DLY)(DAL)G(DIL)(DTH)(DGL)(DPR)(DHI)(DVA)(DIL)(DSN)(DPN)(DIL)
(DSG)(DHI)(DAL)(DPR)(DTY)(DVA)(DSN)(DHI)(DVA)(DSG)G(DLE)(DLY)(DSG)(DAL)(DIL)
(DLE)(DLY)(DAL)(DHI)(DAL)
;
C,D
#
# COMPACT_ATOMS: atom_id res chain seq x y z
N GLU A 7 -6.03 -16.20 -13.37
CA GLU A 7 -5.46 -17.50 -12.90
C GLU A 7 -5.29 -17.47 -11.37
N VAL A 8 -5.04 -18.64 -10.77
CA VAL A 8 -4.71 -18.81 -9.32
C VAL A 8 -3.25 -18.40 -9.10
N VAL A 9 -2.97 -17.64 -8.04
CA VAL A 9 -1.60 -17.14 -7.74
C VAL A 9 -0.86 -18.25 -7.00
N LYS A 10 0.30 -18.67 -7.52
CA LYS A 10 1.17 -19.75 -6.97
C LYS A 10 1.61 -19.36 -5.56
N PHE A 11 1.75 -20.35 -4.67
CA PHE A 11 2.07 -20.17 -3.22
C PHE A 11 3.28 -19.25 -3.08
N MET A 12 4.29 -19.49 -3.91
CA MET A 12 5.63 -18.87 -3.79
C MET A 12 5.53 -17.40 -4.22
N ASP A 13 4.71 -17.08 -5.23
CA ASP A 13 4.45 -15.71 -5.72
C ASP A 13 3.72 -14.91 -4.63
N VAL A 14 2.73 -15.51 -3.96
CA VAL A 14 2.02 -14.86 -2.83
C VAL A 14 3.07 -14.55 -1.76
N TYR A 15 3.92 -15.52 -1.43
CA TYR A 15 4.90 -15.42 -0.32
C TYR A 15 5.89 -14.28 -0.62
N GLN A 16 6.48 -14.27 -1.81
CA GLN A 16 7.54 -13.30 -2.24
C GLN A 16 6.96 -11.88 -2.26
N ARG A 17 5.72 -11.73 -2.72
CA ARG A 17 5.05 -10.42 -2.93
C ARG A 17 4.55 -9.87 -1.58
N SER A 18 4.33 -10.72 -0.58
CA SER A 18 3.77 -10.33 0.73
C SER A 18 4.86 -10.25 1.81
N TYR A 19 6.07 -10.73 1.55
CA TYR A 19 7.14 -10.77 2.58
C TYR A 19 7.59 -9.33 2.90
N CYS A 20 7.76 -9.03 4.19
CA CYS A 20 8.30 -7.77 4.76
C CYS A 20 9.22 -7.07 3.73
N HIS A 21 8.82 -5.90 3.24
CA HIS A 21 9.61 -5.12 2.25
C HIS A 21 9.06 -3.70 2.14
N PRO A 22 9.81 -2.77 1.53
CA PRO A 22 9.32 -1.42 1.31
C PRO A 22 8.26 -1.46 0.19
N ILE A 23 7.07 -0.91 0.46
CA ILE A 23 5.93 -0.86 -0.50
C ILE A 23 5.33 0.55 -0.52
N GLU A 24 5.03 1.05 -1.72
CA GLU A 24 4.36 2.36 -1.88
C GLU A 24 3.07 2.34 -1.07
N THR A 25 2.97 3.26 -0.11
CA THR A 25 1.84 3.40 0.85
C THR A 25 1.29 4.82 0.74
N LEU A 26 -0.04 4.96 0.68
CA LEU A 26 -0.76 6.25 0.63
C LEU A 26 -1.01 6.71 2.06
N VAL A 27 -0.30 7.77 2.48
CA VAL A 27 -0.28 8.27 3.88
C VAL A 27 -0.95 9.63 3.93
N ASP A 28 -1.94 9.79 4.82
CA ASP A 28 -2.56 11.08 5.14
C ASP A 28 -1.48 12.03 5.66
N ILE A 29 -1.43 13.25 5.14
CA ILE A 29 -0.46 14.29 5.59
C ILE A 29 -0.66 14.54 7.11
N PHE A 30 -1.91 14.51 7.58
N PHE A 30 -1.92 14.51 7.57
CA PHE A 30 -2.28 14.82 9.00
CA PHE A 30 -2.33 14.79 8.98
C PHE A 30 -1.83 13.71 9.95
C PHE A 30 -1.77 13.72 9.93
N GLN A 31 -1.45 12.53 9.43
CA GLN A 31 -0.81 11.48 10.26
C GLN A 31 0.66 11.85 10.49
N GLU A 32 1.31 12.45 9.48
CA GLU A 32 2.75 12.82 9.49
C GLU A 32 2.98 14.20 10.13
N TYR A 33 1.95 15.04 10.15
CA TYR A 33 2.01 16.43 10.69
C TYR A 33 0.72 16.72 11.45
N PRO A 34 0.42 16.00 12.56
CA PRO A 34 -0.85 16.16 13.26
C PRO A 34 -1.09 17.54 13.88
N ASP A 35 -0.03 18.32 14.14
CA ASP A 35 -0.13 19.65 14.80
C ASP A 35 -0.47 20.75 13.79
N GLU A 36 -0.62 20.43 12.50
CA GLU A 36 -0.80 21.43 11.42
C GLU A 36 -2.24 21.42 10.89
N ILE A 37 -3.23 20.99 11.68
CA ILE A 37 -4.64 20.88 11.20
C ILE A 37 -5.32 22.26 11.11
N GLU A 38 -4.62 23.36 11.42
CA GLU A 38 -5.10 24.74 11.10
C GLU A 38 -4.95 24.99 9.60
N TYR A 39 -4.07 24.27 8.89
CA TYR A 39 -3.92 24.35 7.41
C TYR A 39 -4.69 23.19 6.77
N ILE A 40 -5.14 23.38 5.53
CA ILE A 40 -5.72 22.30 4.67
C ILE A 40 -4.69 22.01 3.57
N PHE A 41 -4.33 20.75 3.39
CA PHE A 41 -3.28 20.31 2.43
C PHE A 41 -3.94 19.59 1.26
N LYS A 42 -3.61 20.02 0.05
CA LYS A 42 -4.00 19.34 -1.21
C LYS A 42 -2.73 18.90 -1.93
N PRO A 43 -2.59 17.61 -2.29
CA PRO A 43 -3.54 16.57 -1.88
C PRO A 43 -3.37 16.30 -0.37
N SER A 44 -4.35 15.63 0.25
CA SER A 44 -4.41 15.34 1.70
C SER A 44 -3.59 14.08 2.05
N CYS A 45 -3.29 13.26 1.05
CA CYS A 45 -2.46 12.05 1.25
C CYS A 45 -1.31 12.04 0.24
N VAL A 46 -0.20 11.38 0.54
CA VAL A 46 1.01 11.33 -0.34
C VAL A 46 1.48 9.88 -0.50
N PRO A 47 2.16 9.54 -1.62
CA PRO A 47 2.74 8.22 -1.82
C PRO A 47 4.14 8.05 -1.24
N LEU A 48 4.26 7.21 -0.20
CA LEU A 48 5.53 6.98 0.54
C LEU A 48 5.89 5.50 0.50
N MET A 49 7.15 5.20 0.21
CA MET A 49 7.72 3.84 0.40
C MET A 49 7.84 3.60 1.91
N ARG A 50 7.05 2.65 2.42
CA ARG A 50 7.01 2.26 3.85
C ARG A 50 7.09 0.73 3.97
N CYS A 51 7.64 0.26 5.09
CA CYS A 51 7.76 -1.19 5.42
C CYS A 51 6.33 -1.76 5.56
N GLY A 52 6.09 -2.91 4.93
CA GLY A 52 4.78 -3.58 4.97
C GLY A 52 4.95 -5.05 4.70
N GLY A 53 3.92 -5.84 4.99
CA GLY A 53 3.96 -7.29 4.75
C GLY A 53 4.24 -8.04 6.03
N CYS A 54 4.54 -9.33 5.92
CA CYS A 54 4.48 -10.30 7.03
C CYS A 54 5.83 -11.02 7.16
N CYS A 55 6.05 -11.63 8.32
CA CYS A 55 7.31 -12.27 8.75
C CYS A 55 7.01 -13.76 9.01
N ASN A 56 8.05 -14.60 9.01
CA ASN A 56 7.94 -16.07 8.97
C ASN A 56 7.83 -16.66 10.38
N ASP A 57 7.87 -15.83 11.42
CA ASP A 57 7.72 -16.30 12.82
C ASP A 57 6.96 -15.25 13.64
N GLU A 58 6.17 -15.72 14.61
CA GLU A 58 5.31 -14.91 15.51
C GLU A 58 6.15 -13.86 16.28
N GLY A 59 7.40 -14.17 16.62
CA GLY A 59 8.28 -13.29 17.44
C GLY A 59 8.98 -12.25 16.60
N LEU A 60 8.67 -12.16 15.30
CA LEU A 60 9.29 -11.20 14.36
C LEU A 60 8.26 -10.16 13.95
N GLU A 61 8.69 -8.92 13.78
CA GLU A 61 7.88 -7.85 13.17
C GLU A 61 8.69 -7.29 12.01
N CYS A 62 8.00 -6.67 11.07
CA CYS A 62 8.59 -6.00 9.89
C CYS A 62 8.93 -4.55 10.27
N VAL A 63 10.22 -4.20 10.35
CA VAL A 63 10.67 -2.82 10.73
C VAL A 63 11.68 -2.30 9.71
N PRO A 64 11.77 -0.96 9.56
CA PRO A 64 12.78 -0.35 8.69
C PRO A 64 14.18 -0.47 9.31
N THR A 65 15.19 -0.68 8.46
CA THR A 65 16.64 -0.77 8.80
C THR A 65 17.42 0.38 8.16
N GLU A 66 16.92 0.94 7.06
CA GLU A 66 17.43 2.16 6.39
C GLU A 66 16.24 3.10 6.12
N GLU A 67 16.40 4.37 6.46
CA GLU A 67 15.36 5.40 6.20
C GLU A 67 16.03 6.66 5.64
N SER A 68 15.27 7.41 4.85
CA SER A 68 15.67 8.71 4.26
C SER A 68 14.42 9.58 4.14
N ASN A 69 14.60 10.88 3.89
CA ASN A 69 13.50 11.85 3.65
C ASN A 69 13.34 12.05 2.14
N ILE A 70 12.10 12.22 1.71
CA ILE A 70 11.70 12.64 0.34
C ILE A 70 11.02 14.00 0.47
N THR A 71 11.26 14.89 -0.48
CA THR A 71 10.66 16.24 -0.51
C THR A 71 9.63 16.30 -1.63
N MET A 72 8.45 16.82 -1.32
CA MET A 72 7.27 16.88 -2.23
C MET A 72 6.69 18.29 -2.21
N GLN A 73 6.28 18.79 -3.38
CA GLN A 73 5.51 20.06 -3.51
C GLN A 73 4.07 19.78 -3.06
N ILE A 74 3.60 20.46 -2.03
CA ILE A 74 2.21 20.31 -1.47
C ILE A 74 1.56 21.69 -1.43
N MET A 75 0.28 21.78 -1.79
CA MET A 75 -0.46 23.07 -1.67
C MET A 75 -0.93 23.18 -0.23
N ARG A 76 -0.52 24.24 0.45
CA ARG A 76 -0.94 24.52 1.84
C ARG A 76 -2.00 25.63 1.81
N ILE A 77 -3.19 25.36 2.34
CA ILE A 77 -4.31 26.32 2.40
C ILE A 77 -4.47 26.81 3.84
N LYS A 78 -4.33 28.13 4.04
CA LYS A 78 -4.77 28.82 5.26
C LYS A 78 -6.20 29.28 5.01
N PRO A 79 -7.21 28.68 5.68
CA PRO A 79 -8.62 28.90 5.34
C PRO A 79 -9.01 30.38 5.26
N HIS A 80 -9.69 30.75 4.18
CA HIS A 80 -10.26 32.10 3.91
C HIS A 80 -9.16 33.17 3.93
N GLN A 81 -7.90 32.79 3.66
CA GLN A 81 -6.73 33.71 3.56
C GLN A 81 -6.03 33.51 2.22
N GLY A 82 -5.56 32.29 1.93
CA GLY A 82 -4.83 32.01 0.68
C GLY A 82 -4.25 30.63 0.62
N GLN A 83 -3.50 30.37 -0.47
CA GLN A 83 -2.86 29.07 -0.76
C GLN A 83 -1.40 29.32 -1.11
N HIS A 84 -0.56 28.33 -0.83
CA HIS A 84 0.88 28.34 -1.14
C HIS A 84 1.33 26.90 -1.41
N ILE A 85 1.92 26.64 -2.57
CA ILE A 85 2.55 25.35 -2.88
C ILE A 85 4.00 25.44 -2.42
N GLY A 86 4.38 24.63 -1.44
CA GLY A 86 5.72 24.60 -0.84
C GLY A 86 6.20 23.18 -0.64
N GLU A 87 7.51 23.03 -0.42
CA GLU A 87 8.19 21.75 -0.14
C GLU A 87 7.82 21.29 1.26
N MET A 88 7.62 19.98 1.41
CA MET A 88 7.31 19.30 2.69
C MET A 88 8.04 17.95 2.67
N SER A 89 8.76 17.64 3.75
CA SER A 89 9.59 16.41 3.87
C SER A 89 8.76 15.30 4.54
N PHE A 90 8.93 14.08 4.06
CA PHE A 90 8.24 12.87 4.58
C PHE A 90 9.27 11.77 4.78
N LEU A 91 9.14 11.01 5.86
CA LEU A 91 10.01 9.85 6.14
C LEU A 91 9.69 8.71 5.17
N GLN A 92 10.72 8.16 4.50
CA GLN A 92 10.62 6.94 3.65
C GLN A 92 11.44 5.80 4.27
N HIS A 93 11.02 4.55 4.05
CA HIS A 93 11.79 3.33 4.42
C HIS A 93 12.45 2.77 3.14
N ASN A 94 13.79 2.77 3.09
CA ASN A 94 14.63 2.31 1.95
C ASN A 94 14.81 0.79 1.99
N LYS A 95 14.92 0.22 3.20
CA LYS A 95 15.15 -1.23 3.41
C LYS A 95 14.38 -1.67 4.66
N CYS A 96 13.87 -2.90 4.66
CA CYS A 96 13.08 -3.49 5.77
C CYS A 96 13.60 -4.90 6.07
N GLU A 97 13.38 -5.37 7.30
CA GLU A 97 13.78 -6.71 7.77
C GLU A 97 12.79 -7.21 8.82
N CYS A 98 12.63 -8.53 8.91
CA CYS A 98 11.90 -9.20 10.01
C CYS A 98 12.88 -9.32 11.19
N ARG A 99 12.64 -8.56 12.24
CA ARG A 99 13.55 -8.51 13.42
C ARG A 99 12.73 -8.86 14.65
N PRO A 100 13.38 -9.43 15.68
CA PRO A 100 12.71 -9.78 16.93
C PRO A 100 11.90 -8.59 17.46
N LYS A 101 10.72 -8.86 18.01
CA LYS A 101 9.77 -7.79 18.48
C LYS A 101 10.44 -6.93 19.54
N LYS A 102 10.10 -5.64 19.56
CA LYS A 102 10.71 -4.58 20.40
C LYS A 102 9.68 -3.46 20.54
N ASP A 103 8.93 -3.49 21.64
CA ASP A 103 7.71 -2.67 21.85
C ASP A 103 7.45 -2.66 23.37
N GLU B 7 16.06 15.18 -5.67
CA GLU B 7 14.86 15.21 -6.57
C GLU B 7 13.61 15.49 -5.73
N VAL B 8 12.97 16.64 -5.97
CA VAL B 8 11.68 17.06 -5.33
C VAL B 8 10.53 16.56 -6.22
N VAL B 9 9.57 15.82 -5.63
CA VAL B 9 8.39 15.31 -6.37
C VAL B 9 7.50 16.53 -6.68
N LYS B 10 7.26 16.82 -7.96
CA LYS B 10 6.45 17.97 -8.42
C LYS B 10 4.99 17.77 -7.97
N PHE B 11 4.32 18.88 -7.69
CA PHE B 11 2.96 18.91 -7.10
C PHE B 11 2.02 18.00 -7.92
N MET B 12 2.09 18.09 -9.25
CA MET B 12 1.11 17.43 -10.16
C MET B 12 1.24 15.90 -10.07
N ASP B 13 2.45 15.35 -10.00
CA ASP B 13 2.54 13.87 -9.98
C ASP B 13 2.39 13.37 -8.54
N VAL B 14 2.58 14.22 -7.51
CA VAL B 14 2.17 13.87 -6.13
C VAL B 14 0.65 13.66 -6.17
N TYR B 15 -0.07 14.63 -6.74
CA TYR B 15 -1.55 14.64 -6.88
C TYR B 15 -2.02 13.40 -7.65
N GLN B 16 -1.49 13.15 -8.86
CA GLN B 16 -1.89 12.04 -9.77
C GLN B 16 -1.66 10.68 -9.09
N ARG B 17 -0.56 10.52 -8.35
CA ARG B 17 -0.15 9.21 -7.77
C ARG B 17 -0.97 8.94 -6.50
N SER B 18 -1.45 10.00 -5.83
CA SER B 18 -2.16 9.86 -4.54
C SER B 18 -3.67 9.80 -4.75
N TYR B 19 -4.19 10.26 -5.90
CA TYR B 19 -5.66 10.36 -6.10
C TYR B 19 -6.29 8.97 -6.01
N CYS B 20 -7.36 8.85 -5.22
CA CYS B 20 -8.27 7.68 -5.09
C CYS B 20 -8.16 6.74 -6.29
N HIS B 21 -7.68 5.52 -6.08
CA HIS B 21 -7.50 4.50 -7.15
C HIS B 21 -7.11 3.17 -6.52
N PRO B 22 -7.24 2.05 -7.27
CA PRO B 22 -6.80 0.75 -6.79
C PRO B 22 -5.26 0.70 -6.70
N ILE B 23 -4.75 0.32 -5.53
CA ILE B 23 -3.29 0.18 -5.25
C ILE B 23 -3.06 -1.15 -4.50
N GLU B 24 -2.00 -1.86 -4.87
CA GLU B 24 -1.60 -3.12 -4.19
C GLU B 24 -1.41 -2.81 -2.70
N THR B 25 -2.21 -3.48 -1.86
CA THR B 25 -2.27 -3.34 -0.38
C THR B 25 -1.95 -4.70 0.24
N LEU B 26 -1.04 -4.77 1.22
CA LEU B 26 -0.74 -6.04 1.93
C LEU B 26 -1.76 -6.17 3.06
N VAL B 27 -2.63 -7.19 2.96
CA VAL B 27 -3.85 -7.32 3.80
C VAL B 27 -3.70 -8.56 4.67
N ASP B 28 -3.85 -8.38 5.98
CA ASP B 28 -3.87 -9.49 6.97
C ASP B 28 -5.01 -10.44 6.59
N ILE B 29 -4.72 -11.74 6.49
CA ILE B 29 -5.73 -12.76 6.12
C ILE B 29 -6.83 -12.82 7.19
N PHE B 30 -6.49 -12.52 8.45
N PHE B 30 -6.50 -12.51 8.45
CA PHE B 30 -7.41 -12.55 9.63
CA PHE B 30 -7.46 -12.58 9.58
C PHE B 30 -8.45 -11.44 9.54
C PHE B 30 -8.48 -11.44 9.52
N GLN B 31 -8.12 -10.30 8.91
CA GLN B 31 -9.10 -9.20 8.68
C GLN B 31 -10.06 -9.63 7.56
N GLU B 32 -9.65 -10.54 6.68
CA GLU B 32 -10.50 -11.07 5.56
C GLU B 32 -11.27 -12.31 6.01
N TYR B 33 -10.75 -13.09 6.96
CA TYR B 33 -11.43 -14.28 7.53
C TYR B 33 -11.40 -14.20 9.05
N PRO B 34 -12.16 -13.28 9.67
CA PRO B 34 -12.17 -13.12 11.13
C PRO B 34 -12.75 -14.35 11.87
N ASP B 35 -13.62 -15.09 11.20
CA ASP B 35 -14.39 -16.23 11.80
C ASP B 35 -13.51 -17.49 11.85
N GLU B 36 -12.30 -17.45 11.28
CA GLU B 36 -11.33 -18.59 11.37
C GLU B 36 -10.78 -18.66 12.79
N ILE B 37 -10.88 -19.84 13.41
CA ILE B 37 -10.52 -20.09 14.85
C ILE B 37 -9.52 -21.25 14.94
N GLU B 38 -9.63 -22.25 14.06
CA GLU B 38 -8.83 -23.51 14.08
C GLU B 38 -7.45 -23.28 13.43
N TYR B 39 -7.42 -22.80 12.18
CA TYR B 39 -6.22 -22.78 11.29
C TYR B 39 -5.30 -21.57 11.55
N ILE B 40 -4.02 -21.77 11.26
CA ILE B 40 -2.95 -20.73 11.10
C ILE B 40 -2.61 -20.64 9.61
N PHE B 41 -2.39 -19.43 9.09
CA PHE B 41 -2.11 -19.17 7.63
C PHE B 41 -0.69 -18.63 7.44
N LYS B 42 -0.01 -19.13 6.39
CA LYS B 42 1.35 -18.71 5.95
C LYS B 42 1.33 -18.58 4.43
N PRO B 43 1.68 -17.41 3.85
CA PRO B 43 1.97 -16.20 4.63
C PRO B 43 0.72 -15.72 5.37
N SER B 44 0.90 -14.87 6.39
CA SER B 44 -0.19 -14.31 7.24
C SER B 44 -0.90 -13.16 6.50
N CYS B 45 -0.30 -12.67 5.41
CA CYS B 45 -0.76 -11.45 4.70
C CYS B 45 -0.64 -11.71 3.19
N VAL B 46 -1.42 -11.00 2.37
CA VAL B 46 -1.53 -11.24 0.89
C VAL B 46 -1.55 -9.91 0.13
N PRO B 47 -1.02 -9.86 -1.09
CA PRO B 47 -1.09 -8.64 -1.91
C PRO B 47 -2.44 -8.52 -2.65
N LEU B 48 -3.26 -7.54 -2.27
CA LEU B 48 -4.61 -7.31 -2.84
C LEU B 48 -4.73 -5.88 -3.38
N MET B 49 -5.21 -5.75 -4.62
CA MET B 49 -5.59 -4.46 -5.24
C MET B 49 -6.81 -3.93 -4.48
N ARG B 50 -6.62 -2.80 -3.76
CA ARG B 50 -7.63 -2.17 -2.89
C ARG B 50 -7.62 -0.65 -3.13
N CYS B 51 -8.81 -0.05 -3.13
CA CYS B 51 -9.00 1.42 -3.20
C CYS B 51 -8.21 2.07 -2.05
N GLY B 52 -7.39 3.05 -2.38
CA GLY B 52 -6.65 3.88 -1.42
C GLY B 52 -6.45 5.28 -1.97
N GLY B 53 -6.01 6.20 -1.12
CA GLY B 53 -5.65 7.57 -1.52
C GLY B 53 -6.75 8.55 -1.20
N CYS B 54 -6.69 9.73 -1.80
CA CYS B 54 -7.44 10.91 -1.31
C CYS B 54 -8.37 11.43 -2.41
N CYS B 55 -9.29 12.29 -2.01
CA CYS B 55 -10.35 12.91 -2.85
C CYS B 55 -10.17 14.42 -2.77
N ASN B 56 -10.79 15.17 -3.69
CA ASN B 56 -10.51 16.63 -3.85
C ASN B 56 -11.41 17.43 -2.89
N ASP B 57 -12.29 16.78 -2.13
CA ASP B 57 -13.07 17.40 -1.03
C ASP B 57 -13.09 16.47 0.18
N GLU B 58 -13.00 17.03 1.40
CA GLU B 58 -12.99 16.26 2.66
C GLU B 58 -14.37 15.62 2.87
N GLY B 59 -15.40 16.13 2.20
CA GLY B 59 -16.77 15.57 2.20
C GLY B 59 -16.90 14.31 1.34
N LEU B 60 -15.93 14.05 0.45
CA LEU B 60 -15.89 12.86 -0.45
C LEU B 60 -15.08 11.75 0.22
N GLU B 61 -15.27 10.50 -0.22
CA GLU B 61 -14.51 9.32 0.26
C GLU B 61 -14.26 8.36 -0.90
N CYS B 62 -13.13 7.66 -0.84
CA CYS B 62 -12.63 6.75 -1.90
C CYS B 62 -13.17 5.34 -1.63
N VAL B 63 -14.19 4.94 -2.39
CA VAL B 63 -14.85 3.60 -2.27
C VAL B 63 -14.73 2.89 -3.61
N PRO B 64 -14.71 1.53 -3.63
CA PRO B 64 -14.75 0.79 -4.88
C PRO B 64 -16.12 0.95 -5.55
N THR B 65 -16.12 0.88 -6.89
CA THR B 65 -17.33 0.81 -7.75
C THR B 65 -17.41 -0.57 -8.40
N GLU B 66 -16.27 -1.10 -8.89
CA GLU B 66 -16.15 -2.46 -9.47
C GLU B 66 -15.33 -3.35 -8.54
N GLU B 67 -15.70 -4.63 -8.45
CA GLU B 67 -15.01 -5.66 -7.64
C GLU B 67 -14.94 -6.97 -8.42
N SER B 68 -13.86 -7.71 -8.21
CA SER B 68 -13.66 -9.10 -8.70
C SER B 68 -12.89 -9.88 -7.62
N ASN B 69 -13.12 -11.19 -7.55
CA ASN B 69 -12.49 -12.09 -6.55
C ASN B 69 -11.17 -12.59 -7.15
N ILE B 70 -10.19 -12.88 -6.30
CA ILE B 70 -8.88 -13.48 -6.69
C ILE B 70 -8.61 -14.66 -5.74
N THR B 71 -8.03 -15.72 -6.29
CA THR B 71 -7.75 -17.00 -5.58
C THR B 71 -6.23 -17.14 -5.50
N MET B 72 -5.73 -17.51 -4.33
CA MET B 72 -4.27 -17.60 -4.04
C MET B 72 -3.99 -18.91 -3.30
N GLN B 73 -2.81 -19.49 -3.51
CA GLN B 73 -2.33 -20.66 -2.75
C GLN B 73 -1.81 -20.21 -1.37
N ILE B 74 -2.45 -20.66 -0.30
CA ILE B 74 -2.11 -20.31 1.12
C ILE B 74 -1.85 -21.60 1.92
N MET B 75 -0.76 -21.65 2.69
CA MET B 75 -0.44 -22.81 3.57
C MET B 75 -1.33 -22.73 4.81
N ARG B 76 -2.30 -23.65 4.89
CA ARG B 76 -3.31 -23.77 5.98
C ARG B 76 -2.76 -24.78 7.01
N ILE B 77 -2.41 -24.31 8.21
CA ILE B 77 -1.76 -25.11 9.29
C ILE B 77 -2.74 -25.26 10.46
N LYS B 78 -2.94 -26.50 10.92
CA LYS B 78 -3.59 -26.82 12.23
C LYS B 78 -2.47 -27.11 13.24
N PRO B 79 -2.13 -26.18 14.16
CA PRO B 79 -0.92 -26.30 14.98
C PRO B 79 -0.72 -27.69 15.60
N HIS B 80 0.52 -28.18 15.58
CA HIS B 80 0.99 -29.46 16.17
C HIS B 80 0.23 -30.66 15.57
N GLN B 81 -0.50 -30.46 14.47
CA GLN B 81 -1.43 -31.48 13.89
C GLN B 81 -1.01 -31.76 12.45
N GLY B 82 -0.90 -30.73 11.61
CA GLY B 82 -0.50 -30.93 10.19
C GLY B 82 -0.56 -29.66 9.37
N GLN B 83 -0.17 -29.77 8.10
CA GLN B 83 -0.11 -28.68 7.11
C GLN B 83 -0.81 -29.16 5.83
N HIS B 84 -1.41 -28.25 5.07
CA HIS B 84 -1.83 -28.47 3.66
C HIS B 84 -1.95 -27.13 2.95
N ILE B 85 -1.44 -27.05 1.71
CA ILE B 85 -1.54 -25.84 0.84
C ILE B 85 -2.90 -25.90 0.12
N GLY B 86 -3.74 -24.88 0.31
CA GLY B 86 -5.10 -24.80 -0.25
C GLY B 86 -5.36 -23.47 -0.96
N GLU B 87 -6.42 -23.43 -1.77
CA GLU B 87 -6.88 -22.21 -2.48
C GLU B 87 -7.77 -21.40 -1.53
N MET B 88 -7.51 -20.10 -1.44
CA MET B 88 -8.36 -19.13 -0.69
C MET B 88 -8.70 -17.94 -1.61
N SER B 89 -9.94 -17.45 -1.48
CA SER B 89 -10.51 -16.34 -2.29
C SER B 89 -10.54 -15.06 -1.46
N PHE B 90 -10.20 -13.93 -2.08
CA PHE B 90 -10.15 -12.59 -1.44
C PHE B 90 -10.83 -11.59 -2.38
N LEU B 91 -11.51 -10.60 -1.81
CA LEU B 91 -12.12 -9.50 -2.61
C LEU B 91 -11.02 -8.56 -3.09
N GLN B 92 -11.04 -8.17 -4.36
CA GLN B 92 -10.15 -7.12 -4.94
C GLN B 92 -11.02 -6.03 -5.57
N HIS B 93 -10.51 -4.79 -5.60
CA HIS B 93 -11.18 -3.60 -6.17
C HIS B 93 -10.60 -3.30 -7.56
N ASN B 94 -11.43 -3.33 -8.61
CA ASN B 94 -11.03 -3.09 -10.03
C ASN B 94 -11.12 -1.60 -10.37
N LYS B 95 -12.03 -0.86 -9.71
CA LYS B 95 -12.31 0.59 -9.96
C LYS B 95 -12.73 1.25 -8.65
N CYS B 96 -12.41 2.54 -8.49
CA CYS B 96 -12.74 3.35 -7.30
C CYS B 96 -13.25 4.74 -7.70
N GLU B 97 -14.00 5.35 -6.80
CA GLU B 97 -14.63 6.67 -7.05
C GLU B 97 -14.63 7.46 -5.75
N CYS B 98 -14.50 8.77 -5.87
CA CYS B 98 -14.72 9.74 -4.78
C CYS B 98 -16.20 10.10 -4.73
N ARG B 99 -16.88 9.71 -3.64
CA ARG B 99 -18.34 9.88 -3.44
C ARG B 99 -18.59 10.47 -2.06
N PRO B 100 -19.78 11.08 -1.82
CA PRO B 100 -20.09 11.65 -0.51
C PRO B 100 -20.19 10.53 0.55
N LYS B 101 -19.84 10.86 1.80
CA LYS B 101 -19.60 9.91 2.92
C LYS B 101 -20.83 9.01 3.12
N DTH C 1 -21.62 12.45 -22.30
CA DTH C 1 -22.27 13.80 -22.37
CB DTH C 1 -23.63 13.77 -23.08
CG2 DTH C 1 -23.57 13.29 -24.51
OG1 DTH C 1 -24.17 15.09 -23.05
C DTH C 1 -21.27 14.81 -22.95
O DTH C 1 -21.09 15.87 -22.38
N DIL C 2 -20.57 14.44 -24.05
CA DIL C 2 -19.44 15.24 -24.50
C DIL C 2 -18.44 15.39 -23.35
O DIL C 2 -17.96 16.49 -23.07
CB DIL C 2 -18.75 14.66 -25.74
CG1 DIL C 2 -19.58 14.84 -27.01
CG2 DIL C 2 -17.35 15.25 -25.89
CD1 DIL C 2 -18.94 14.18 -28.24
N DAS C 3 -18.11 14.27 -22.71
CA DAS C 3 -17.12 14.24 -21.65
C DAS C 3 -17.60 15.07 -20.47
O DAS C 3 -16.84 15.85 -19.91
CB DAS C 3 -16.78 12.79 -21.25
CG DAS C 3 -15.77 12.13 -22.17
OD1 DAS C 3 -14.99 12.85 -22.82
OD2 DAS C 3 -15.76 10.88 -22.23
N DGN C 4 -18.88 14.89 -20.10
CA DGN C 4 -19.46 15.67 -19.02
C DGN C 4 -19.38 17.16 -19.33
O DGN C 4 -19.16 17.96 -18.41
CB DGN C 4 -20.92 15.27 -18.82
CG DGN C 4 -21.11 13.92 -18.17
CD DGN C 4 -22.55 13.50 -18.29
OE1 DGN C 4 -23.11 13.48 -19.39
NE2 DGN C 4 -23.17 13.22 -17.17
N DTR C 5 -19.58 17.55 -20.59
CA DTR C 5 -19.55 18.96 -20.94
CB DTR C 5 -20.18 19.23 -22.31
CG DTR C 5 -21.67 19.49 -22.29
CD1 DTR C 5 -22.65 18.67 -22.74
NE1 DTR C 5 -23.88 19.24 -22.53
CE2 DTR C 5 -23.71 20.47 -21.97
CZ2 DTR C 5 -24.66 21.44 -21.59
CH2 DTR C 5 -24.19 22.60 -21.04
CZ3 DTR C 5 -22.83 22.83 -20.87
CE3 DTR C 5 -21.88 21.88 -21.23
CD2 DTR C 5 -22.32 20.68 -21.79
C DTR C 5 -18.11 19.49 -20.88
O DTR C 5 -17.89 20.59 -20.39
N DLE C 6 -17.14 18.69 -21.35
CA DLE C 6 -15.73 19.09 -21.34
CB DLE C 6 -14.88 17.99 -21.98
CG DLE C 6 -14.88 17.94 -23.51
CD1 DLE C 6 -14.24 19.18 -24.11
CD2 DLE C 6 -14.18 16.68 -24.00
C DLE C 6 -15.25 19.37 -19.92
O DLE C 6 -14.54 20.34 -19.70
N DLE C 7 -15.62 18.51 -18.97
CA DLE C 7 -15.17 18.65 -17.60
CB DLE C 7 -15.40 17.33 -16.87
CG DLE C 7 -15.01 17.30 -15.38
CD1 DLE C 7 -15.75 16.16 -14.66
CD2 DLE C 7 -13.51 17.17 -15.22
C DLE C 7 -15.91 19.82 -16.93
O DLE C 7 -15.31 20.56 -16.15
N DLY C 8 -17.19 20.01 -17.25
CA DLY C 8 -17.92 21.16 -16.77
C DLY C 8 -17.20 22.43 -17.21
O DLY C 8 -16.87 23.26 -16.37
CB DLY C 8 -19.37 21.14 -17.25
CG DLY C 8 -20.17 22.40 -16.95
CD DLY C 8 -21.62 22.12 -16.60
CE DLY C 8 -22.61 23.08 -17.23
NZ DLY C 8 -22.16 24.49 -17.20
N DSG C 9 -16.94 22.53 -18.52
CA DSG C 9 -16.27 23.67 -19.14
C DSG C 9 -14.87 23.89 -18.56
O DSG C 9 -14.52 25.01 -18.21
CB DSG C 9 -16.20 23.49 -20.66
CG DSG C 9 -17.56 23.33 -21.30
OD1 DSG C 9 -18.57 23.52 -20.65
ND2 DSG C 9 -17.59 22.97 -22.57
N DAL C 10 -14.06 22.83 -18.50
CA DAL C 10 -12.71 22.92 -17.99
CB DAL C 10 -12.05 21.57 -18.02
C DAL C 10 -12.69 23.52 -16.58
O DAL C 10 -11.86 24.37 -16.27
N DLY C 11 -13.64 23.09 -15.74
CA DLY C 11 -13.72 23.52 -14.35
C DLY C 11 -14.11 25.00 -14.27
O DLY C 11 -13.61 25.73 -13.43
CB DLY C 11 -14.72 22.68 -13.55
CG DLY C 11 -14.20 21.34 -13.05
CD DLY C 11 -15.31 20.35 -12.74
CE DLY C 11 -14.82 19.06 -12.13
NZ DLY C 11 -15.95 18.22 -11.67
N DGL C 12 -15.01 25.42 -15.16
CA DGL C 12 -15.45 26.81 -15.16
C DGL C 12 -14.34 27.71 -15.70
O DGL C 12 -14.12 28.80 -15.16
CB DGL C 12 -16.71 26.95 -15.99
CG DGL C 12 -17.95 26.40 -15.30
CD DGL C 12 -19.17 26.32 -16.20
OE1 DGL C 12 -20.21 25.85 -15.69
OE2 DGL C 12 -19.08 26.72 -17.37
N DAS C 13 -13.67 27.27 -16.77
CA DAS C 13 -12.55 28.02 -17.33
C DAS C 13 -11.48 28.23 -16.25
O DAS C 13 -11.00 29.34 -16.08
CB DAS C 13 -11.93 27.30 -18.53
CG DAS C 13 -12.80 27.31 -19.78
OD1 DAS C 13 -13.83 28.02 -19.78
OD2 DAS C 13 -12.44 26.60 -20.76
N DAL C 14 -11.15 27.15 -15.54
CA DAL C 14 -10.07 27.16 -14.56
CB DAL C 14 -9.82 25.73 -14.09
C DAL C 14 -10.40 28.09 -13.40
O DAL C 14 -9.56 28.88 -12.98
N DIL C 15 -11.63 27.97 -12.88
CA DIL C 15 -12.04 28.77 -11.73
C DIL C 15 -12.00 30.26 -12.07
O DIL C 15 -11.59 31.07 -11.22
CB DIL C 15 -13.45 28.37 -11.23
CG1 DIL C 15 -13.42 26.98 -10.58
CG2 DIL C 15 -14.00 29.43 -10.30
CD1 DIL C 15 -14.80 26.46 -10.16
N DAL C 16 -12.45 30.61 -13.28
CA DAL C 16 -12.44 32.00 -13.73
CB DAL C 16 -13.20 32.16 -15.02
C DAL C 16 -11.00 32.46 -13.87
O DAL C 16 -10.70 33.61 -13.56
N DGL C 17 -10.13 31.58 -14.38
CA DGL C 17 -8.74 31.92 -14.64
C DGL C 17 -7.99 32.07 -13.30
O DGL C 17 -7.02 32.82 -13.23
CB DGL C 17 -8.12 30.88 -15.58
CG DGL C 17 -6.67 31.18 -15.92
CD DGL C 17 -6.04 30.36 -17.05
OE1 DGL C 17 -4.88 30.67 -17.44
OE2 DGL C 17 -6.69 29.42 -17.53
N DLE C 18 -8.47 31.41 -12.25
CA DLE C 18 -7.91 31.56 -10.92
CB DLE C 18 -8.29 30.35 -10.07
CG DLE C 18 -7.56 29.07 -10.46
CD1 DLE C 18 -6.21 28.99 -9.78
CD2 DLE C 18 -8.39 27.84 -10.14
C DLE C 18 -8.39 32.86 -10.27
O DLE C 18 -7.62 33.57 -9.63
N DLY C 19 -9.67 33.17 -10.49
CA DLY C 19 -10.27 34.40 -10.00
C DLY C 19 -9.56 35.61 -10.56
O DLY C 19 -9.48 36.64 -9.89
CB DLY C 19 -11.75 34.40 -10.39
CG DLY C 19 -12.63 35.37 -9.62
CD DLY C 19 -13.88 35.79 -10.39
CE DLY C 19 -14.39 37.18 -10.03
NZ DLY C 19 -13.82 37.69 -8.77
N DLY C 20 -9.04 35.50 -11.80
CA DLY C 20 -8.33 36.59 -12.45
C DLY C 20 -7.03 36.89 -11.71
O DLY C 20 -6.69 38.05 -11.52
CB DLY C 20 -8.03 36.24 -13.91
CG DLY C 20 -8.52 37.24 -14.95
CD DLY C 20 -7.50 37.56 -16.04
CE DLY C 20 -8.11 38.23 -17.25
NZ DLY C 20 -7.09 38.64 -18.24
N DAL C 21 -6.32 35.83 -11.31
CA DAL C 21 -5.02 35.96 -10.66
CB DAL C 21 -4.20 34.73 -10.94
C DAL C 21 -5.17 36.19 -9.16
O DAL C 21 -4.17 36.20 -8.44
N GLY C 22 -6.40 36.37 -8.67
CA GLY C 22 -6.65 36.70 -7.27
C GLY C 22 -6.77 35.48 -6.36
N DIL C 23 -6.96 34.30 -6.96
CA DIL C 23 -7.03 33.06 -6.19
C DIL C 23 -8.49 32.70 -6.04
O DIL C 23 -9.12 32.26 -6.99
CB DIL C 23 -6.21 31.93 -6.86
CG1 DIL C 23 -4.88 32.46 -7.41
CG2 DIL C 23 -6.02 30.76 -5.91
CD1 DIL C 23 -3.82 31.41 -7.61
N DTH C 24 -9.02 32.89 -4.83
CA DTH C 24 -10.45 32.80 -4.61
CB DTH C 24 -11.04 34.21 -4.53
CG2 DTH C 24 -10.89 34.83 -3.15
OG1 DTH C 24 -12.42 34.14 -4.89
C DTH C 24 -10.81 31.95 -3.40
O DTH C 24 -11.98 31.70 -3.17
N DGL C 25 -9.81 31.48 -2.64
CA DGL C 25 -10.04 30.68 -1.44
C DGL C 25 -10.93 29.48 -1.79
O DGL C 25 -10.59 28.74 -2.70
CB DGL C 25 -8.69 30.27 -0.86
CG DGL C 25 -8.72 29.97 0.63
CD DGL C 25 -9.57 28.78 1.03
OE1 DGL C 25 -10.10 28.79 2.15
OE2 DGL C 25 -9.72 27.87 0.19
N DPR C 26 -12.07 29.23 -1.10
CA DPR C 26 -13.07 28.30 -1.62
CB DPR C 26 -14.38 28.66 -0.86
CG DPR C 26 -13.99 29.68 0.19
CD DPR C 26 -12.47 29.79 0.19
C DPR C 26 -12.78 26.81 -1.42
O DPR C 26 -13.47 25.99 -2.00
N DHI C 27 -11.78 26.48 -0.60
CA DHI C 27 -11.26 25.12 -0.53
C DHI C 27 -10.43 24.83 -1.78
O DHI C 27 -10.40 23.70 -2.25
CB DHI C 27 -10.46 24.90 0.76
CG DHI C 27 -11.26 25.10 1.99
ND1 DHI C 27 -11.15 26.24 2.77
CD2 DHI C 27 -12.19 24.32 2.61
CE1 DHI C 27 -12.06 26.22 3.72
NE2 DHI C 27 -12.60 25.00 3.73
N DVA C 28 -9.77 25.85 -2.32
CA DVA C 28 -9.04 25.70 -3.56
CB DVA C 28 -8.16 26.94 -3.81
CG1 DVA C 28 -7.13 27.13 -2.72
CG2 DVA C 28 -7.48 26.90 -5.18
C DVA C 28 -10.02 25.45 -4.70
O DVA C 28 -9.83 24.56 -5.51
N DIL C 29 -11.08 26.27 -4.72
CA DIL C 29 -12.10 26.28 -5.76
C DIL C 29 -12.81 24.93 -5.79
O DIL C 29 -12.97 24.34 -6.86
CB DIL C 29 -13.10 27.45 -5.52
CG1 DIL C 29 -12.43 28.83 -5.66
CG2 DIL C 29 -14.32 27.34 -6.41
CD1 DIL C 29 -11.22 28.89 -6.58
N DSN C 30 -13.27 24.46 -4.61
CA DSN C 30 -13.98 23.20 -4.53
C DSN C 30 -13.05 22.03 -4.86
O DSN C 30 -13.52 21.01 -5.35
CB DSN C 30 -14.65 23.01 -3.19
OG DSN C 30 -13.71 23.08 -2.13
N DPN C 31 -11.74 22.20 -4.62
CA DPN C 31 -10.74 21.19 -4.97
C DPN C 31 -10.72 20.98 -6.49
O DPN C 31 -10.70 19.84 -6.95
CB DPN C 31 -9.37 21.56 -4.40
CG DPN C 31 -8.24 20.62 -4.77
CD1 DPN C 31 -7.21 21.04 -5.60
CD2 DPN C 31 -8.19 19.33 -4.28
CE1 DPN C 31 -6.18 20.20 -5.95
CE2 DPN C 31 -7.14 18.48 -4.62
CZ DPN C 31 -6.14 18.91 -5.46
N DIL C 32 -10.75 22.06 -7.26
CA DIL C 32 -10.81 21.92 -8.71
C DIL C 32 -12.19 21.41 -9.15
O DIL C 32 -12.28 20.62 -10.07
CB DIL C 32 -10.42 23.25 -9.40
CG1 DIL C 32 -8.90 23.41 -9.46
CG2 DIL C 32 -11.05 23.37 -10.78
CD1 DIL C 32 -8.40 24.72 -8.95
N DSG C 33 -13.25 21.84 -8.46
CA DSG C 33 -14.61 21.46 -8.80
C DSG C 33 -14.87 19.96 -8.58
O DSG C 33 -15.79 19.43 -9.19
CB DSG C 33 -15.65 22.25 -8.03
CG DSG C 33 -16.17 23.45 -8.81
OD1 DSG C 33 -15.95 23.55 -10.01
ND2 DSG C 33 -16.83 24.37 -8.12
N DHI C 34 -14.10 19.30 -7.71
CA DHI C 34 -14.32 17.89 -7.44
C DHI C 34 -13.27 17.00 -8.11
O DHI C 34 -13.24 15.81 -7.85
CB DHI C 34 -14.37 17.64 -5.92
CG DHI C 34 -15.64 18.08 -5.28
ND1 DHI C 34 -16.84 17.40 -5.45
CD2 DHI C 34 -15.94 19.13 -4.48
CE1 DHI C 34 -17.83 18.20 -5.12
NE2 DHI C 34 -17.32 19.19 -4.38
N DAL C 35 -12.41 17.58 -8.96
CA DAL C 35 -11.47 16.80 -9.76
CB DAL C 35 -10.47 17.71 -10.43
C DAL C 35 -12.27 16.01 -10.81
O DAL C 35 -13.17 16.57 -11.44
N DPR C 36 -11.97 14.72 -11.07
CA DPR C 36 -12.85 13.93 -11.95
CB DPR C 36 -12.67 12.51 -11.39
CG DPR C 36 -11.27 12.49 -10.82
CD DPR C 36 -10.87 13.92 -10.52
C DPR C 36 -12.58 13.97 -13.45
O DPR C 36 -13.48 13.65 -14.21
N DTY C 37 -11.38 14.39 -13.89
CA DTY C 37 -11.03 14.41 -15.31
C DTY C 37 -10.57 15.80 -15.74
O DTY C 37 -10.13 16.60 -14.92
CB DTY C 37 -9.91 13.42 -15.64
CG DTY C 37 -10.10 12.05 -15.07
CD1 DTY C 37 -11.14 11.23 -15.49
CD2 DTY C 37 -9.26 11.55 -14.09
CE1 DTY C 37 -11.35 9.97 -14.96
CE2 DTY C 37 -9.44 10.28 -13.54
CZ DTY C 37 -10.49 9.50 -13.98
OH DTY C 37 -10.68 8.25 -13.44
N DVA C 38 -10.64 16.04 -17.05
CA DVA C 38 -10.20 17.29 -17.66
CB DVA C 38 -10.48 17.30 -19.18
CG1 DVA C 38 -11.97 17.27 -19.46
CG2 DVA C 38 -9.84 18.50 -19.88
C DVA C 38 -8.71 17.47 -17.36
O DVA C 38 -8.31 18.51 -16.85
N DSN C 39 -7.91 16.44 -17.67
CA DSN C 39 -6.47 16.47 -17.50
C DSN C 39 -6.08 16.92 -16.09
O DSN C 39 -5.15 17.71 -15.93
CB DSN C 39 -5.89 15.10 -17.78
OG DSN C 39 -6.51 14.10 -16.97
N DHI C 40 -6.79 16.42 -15.07
CA DHI C 40 -6.57 16.87 -13.70
C DHI C 40 -6.89 18.37 -13.57
O DHI C 40 -6.07 19.12 -13.03
CB DHI C 40 -7.43 16.05 -12.73
CG DHI C 40 -6.93 14.67 -12.52
ND1 DHI C 40 -7.34 13.89 -11.46
CD2 DHI C 40 -6.05 13.92 -13.22
CE1 DHI C 40 -6.81 12.68 -11.57
NE2 DHI C 40 -5.99 12.69 -12.64
N DVA C 41 -8.05 18.78 -14.07
CA DVA C 41 -8.48 20.16 -13.92
CB DVA C 41 -9.82 20.43 -14.61
CG1 DVA C 41 -10.97 19.69 -13.97
CG2 DVA C 41 -10.12 21.93 -14.66
C DVA C 41 -7.37 21.08 -14.44
O DVA C 41 -6.91 21.95 -13.71
N DSG C 42 -6.97 20.86 -15.70
CA DSG C 42 -6.07 21.77 -16.39
C DSG C 42 -4.68 21.70 -15.77
O DSG C 42 -3.99 22.71 -15.67
CB DSG C 42 -6.01 21.51 -17.90
CG DSG C 42 -7.33 21.73 -18.61
OD1 DSG C 42 -7.66 21.00 -19.56
ND2 DSG C 42 -8.09 22.73 -18.20
N GLY C 43 -4.25 20.49 -15.38
CA GLY C 43 -2.95 20.32 -14.73
C GLY C 43 -2.86 21.09 -13.41
N DLE C 44 -3.84 20.88 -12.53
CA DLE C 44 -3.91 21.55 -11.23
CB DLE C 44 -5.17 21.11 -10.48
CG DLE C 44 -5.23 19.64 -10.05
CD1 DLE C 44 -4.10 19.31 -9.10
CD2 DLE C 44 -6.59 19.34 -9.40
C DLE C 44 -3.92 23.07 -11.41
O DLE C 44 -3.21 23.78 -10.73
N DLY C 45 -4.78 23.54 -12.33
CA DLY C 45 -4.97 24.97 -12.52
C DLY C 45 -3.65 25.58 -13.00
O DLY C 45 -3.24 26.63 -12.50
CB DLY C 45 -6.15 25.21 -13.46
CG DLY C 45 -6.01 26.34 -14.46
CD DLY C 45 -5.67 25.84 -15.85
CE DLY C 45 -6.35 26.63 -16.95
NZ DLY C 45 -5.35 27.16 -17.92
N DSG C 46 -2.97 24.91 -13.93
CA DSG C 46 -1.71 25.41 -14.47
C DSG C 46 -0.62 25.40 -13.39
O DSG C 46 0.17 26.35 -13.30
CB DSG C 46 -1.27 24.63 -15.70
CG DSG C 46 -2.01 25.05 -16.95
OD1 DSG C 46 -2.24 26.25 -17.16
ND2 DSG C 46 -2.40 24.10 -17.78
N DAL C 47 -0.57 24.35 -12.58
CA DAL C 47 0.44 24.24 -11.53
CB DAL C 47 0.43 22.84 -10.96
C DAL C 47 0.22 25.29 -10.44
O DAL C 47 1.18 25.88 -9.95
N DIL C 48 -1.04 25.54 -10.08
CA DIL C 48 -1.34 26.52 -9.03
C DIL C 48 -1.02 27.93 -9.52
O DIL C 48 -0.52 28.75 -8.75
CB DIL C 48 -2.81 26.38 -8.58
CG1 DIL C 48 -3.04 25.05 -7.84
CG2 DIL C 48 -3.24 27.56 -7.71
CD1 DIL C 48 -4.47 24.59 -7.87
N DLE C 49 -1.32 28.22 -10.80
CA DLE C 49 -1.06 29.53 -11.39
CB DLE C 49 -1.72 29.62 -12.76
CG DLE C 49 -3.23 29.81 -12.74
CD1 DLE C 49 -3.61 31.20 -12.24
CD2 DLE C 49 -3.82 29.54 -14.12
C DLE C 49 0.44 29.76 -11.51
O DLE C 49 0.94 30.82 -11.13
N DLY C 50 1.15 28.76 -12.05
CA DLY C 50 2.61 28.78 -12.15
C DLY C 50 3.22 29.20 -10.81
O DLY C 50 3.94 30.19 -10.74
CB DLY C 50 3.14 27.40 -12.52
CG DLY C 50 3.61 27.21 -13.95
CD DLY C 50 5.12 27.06 -14.11
CE DLY C 50 5.80 28.32 -14.61
NZ DLY C 50 5.12 28.89 -15.81
N DAL C 51 2.93 28.40 -9.77
CA DAL C 51 3.54 28.56 -8.46
CB DAL C 51 3.12 27.44 -7.55
C DAL C 51 3.17 29.91 -7.86
O DAL C 51 4.03 30.56 -7.27
N DHI C 52 1.91 30.34 -8.04
CA DHI C 52 1.42 31.59 -7.48
C DHI C 52 2.17 32.79 -8.08
O DHI C 52 2.44 33.76 -7.39
CB DHI C 52 -0.10 31.73 -7.70
CG DHI C 52 -0.70 32.89 -6.99
ND1 DHI C 52 -0.67 33.02 -5.61
CD2 DHI C 52 -1.37 33.98 -7.44
CE1 DHI C 52 -1.27 34.14 -5.25
NE2 DHI C 52 -1.75 34.71 -6.35
N DAL C 53 2.49 32.70 -9.38
CA DAL C 53 3.24 33.74 -10.06
CB DAL C 53 2.80 33.84 -11.50
C DAL C 53 4.74 33.44 -9.93
O DAL C 53 5.52 34.37 -9.93
N DTH D 1 27.39 -10.16 0.32
CA DTH D 1 26.68 -10.00 1.64
CB DTH D 1 27.65 -9.53 2.73
CG2 DTH D 1 28.67 -8.52 2.24
OG1 DTH D 1 28.35 -10.66 3.26
C DTH D 1 26.00 -11.32 1.96
O DTH D 1 26.47 -12.38 1.57
N DIL D 2 24.86 -11.25 2.69
CA DIL D 2 24.08 -12.43 3.02
C DIL D 2 24.87 -13.29 4.01
O DIL D 2 24.93 -12.97 5.20
CB DIL D 2 22.67 -12.06 3.54
CG1 DIL D 2 21.84 -11.35 2.47
CG2 DIL D 2 21.95 -13.28 4.09
CD1 DIL D 2 21.77 -12.08 1.14
N DAS D 3 25.44 -14.39 3.50
CA DAS D 3 26.24 -15.31 4.29
C DAS D 3 25.29 -16.17 5.11
O DAS D 3 24.52 -16.95 4.56
CB DAS D 3 27.15 -16.13 3.38
CG DAS D 3 27.89 -17.28 4.05
OD1 DAS D 3 27.66 -17.53 5.26
OD2 DAS D 3 28.70 -17.92 3.35
N DGN D 4 25.39 -16.04 6.44
CA DGN D 4 24.47 -16.72 7.34
C DGN D 4 24.78 -18.23 7.39
O DGN D 4 23.87 -19.03 7.57
CB DGN D 4 24.56 -16.06 8.72
CG DGN D 4 23.94 -14.66 8.76
CD DGN D 4 22.46 -14.67 8.46
OE1 DGN D 4 21.97 -13.94 7.61
NE2 DGN D 4 21.72 -15.52 9.17
N DTR D 5 26.06 -18.59 7.23
CA DTR D 5 26.48 -19.99 7.15
CB DTR D 5 28.01 -20.05 7.04
CG DTR D 5 28.64 -21.40 6.83
CD1 DTR D 5 29.11 -22.24 7.79
NE1 DTR D 5 29.65 -23.36 7.23
CE2 DTR D 5 29.57 -23.27 5.87
CZ2 DTR D 5 29.99 -24.15 4.87
CH2 DTR D 5 29.76 -23.77 3.56
CZ3 DTR D 5 29.15 -22.55 3.25
CE3 DTR D 5 28.72 -21.68 4.23
CD2 DTR D 5 28.94 -22.03 5.58
C DTR D 5 25.73 -20.68 6.01
O DTR D 5 25.13 -21.73 6.23
N DLE D 6 25.73 -20.05 4.82
CA DLE D 6 25.05 -20.53 3.62
CB DLE D 6 25.23 -19.48 2.51
CG DLE D 6 25.62 -19.96 1.10
CD1 DLE D 6 25.43 -21.45 0.89
CD2 DLE D 6 24.85 -19.17 0.05
C DLE D 6 23.56 -20.77 3.89
O DLE D 6 23.00 -21.80 3.54
N DLE D 7 22.94 -19.76 4.50
CA DLE D 7 21.52 -19.76 4.80
CB DLE D 7 21.16 -18.38 5.36
CG DLE D 7 19.66 -18.11 5.55
CD1 DLE D 7 19.44 -16.69 6.04
CD2 DLE D 7 18.90 -18.37 4.26
C DLE D 7 21.18 -20.88 5.79
O DLE D 7 20.19 -21.57 5.60
N DLY D 8 22.02 -21.06 6.81
CA DLY D 8 21.78 -22.08 7.81
C DLY D 8 21.91 -23.46 7.18
O DLY D 8 21.14 -24.36 7.51
CB DLY D 8 22.73 -21.93 9.01
CG DLY D 8 22.71 -23.09 10.00
CD DLY D 8 23.11 -22.71 11.42
CE DLY D 8 24.29 -23.49 11.96
NZ DLY D 8 24.32 -23.51 13.45
N DSG D 9 22.86 -23.63 6.26
CA DSG D 9 23.05 -24.88 5.54
C DSG D 9 21.81 -25.18 4.69
O DSG D 9 21.39 -26.33 4.63
CB DSG D 9 24.30 -24.87 4.65
CG DSG D 9 25.58 -24.84 5.46
OD1 DSG D 9 26.62 -24.39 4.98
ND2 DSG D 9 25.52 -25.33 6.70
N DAL D 10 21.24 -24.16 4.05
CA DAL D 10 20.07 -24.37 3.23
CB DAL D 10 19.76 -23.14 2.42
C DAL D 10 18.89 -24.80 4.10
O DAL D 10 18.15 -25.72 3.74
N DLY D 11 18.76 -24.16 5.28
CA DLY D 11 17.70 -24.45 6.22
C DLY D 11 17.80 -25.90 6.70
O DLY D 11 16.81 -26.62 6.70
CB DLY D 11 17.73 -23.48 7.41
CG DLY D 11 16.91 -22.22 7.19
CD DLY D 11 17.57 -20.95 7.64
CE DLY D 11 16.87 -19.73 7.11
NZ DLY D 11 16.98 -18.58 8.03
N DGL D 12 19.01 -26.29 7.10
CA DGL D 12 19.21 -27.62 7.65
C DGL D 12 18.84 -28.69 6.62
O DGL D 12 18.14 -29.64 6.95
CB DGL D 12 20.66 -27.79 8.12
CG DGL D 12 20.97 -27.02 9.39
CD DGL D 12 22.33 -27.34 9.99
OE1 DGL D 12 22.38 -27.51 11.23
OE2 DGL D 12 23.32 -27.41 9.22
N DAS D 13 19.27 -28.51 5.36
CA DAS D 13 18.91 -29.45 4.30
C DAS D 13 17.41 -29.42 4.05
O DAS D 13 16.77 -30.46 3.97
CB DAS D 13 19.67 -29.16 3.01
CG DAS D 13 21.17 -29.34 3.16
OD1 DAS D 13 21.60 -29.86 4.21
OD2 DAS D 13 21.89 -28.93 2.23
N DAL D 14 16.85 -28.21 3.93
CA DAL D 14 15.43 -28.07 3.66
CB DAL D 14 15.05 -26.62 3.54
C DAL D 14 14.63 -28.80 4.73
O DAL D 14 13.69 -29.54 4.40
N DIL D 15 15.00 -28.63 6.00
CA DIL D 15 14.22 -29.15 7.10
C DIL D 15 14.40 -30.67 7.19
O DIL D 15 13.46 -31.38 7.53
CB DIL D 15 14.56 -28.43 8.42
CG1 DIL D 15 13.86 -27.06 8.46
CG2 DIL D 15 14.21 -29.27 9.64
CD1 DIL D 15 14.49 -26.05 9.40
N DAL D 16 15.61 -31.16 6.87
CA DAL D 16 15.88 -32.59 6.88
CB DAL D 16 17.36 -32.84 6.70
C DAL D 16 15.07 -33.27 5.79
O DAL D 16 14.59 -34.39 5.99
N DGL D 17 14.93 -32.61 4.64
CA DGL D 17 14.19 -33.14 3.51
C DGL D 17 12.69 -33.13 3.83
O DGL D 17 11.95 -33.99 3.36
CB DGL D 17 14.50 -32.32 2.26
CG DGL D 17 14.59 -33.14 0.98
CD DGL D 17 14.26 -32.36 -0.27
OE1 DGL D 17 14.87 -31.28 -0.47
OE2 DGL D 17 13.39 -32.82 -1.05
N DLE D 18 12.25 -32.13 4.60
CA DLE D 18 10.88 -32.05 5.05
CB DLE D 18 10.65 -30.72 5.75
CG DLE D 18 10.49 -29.51 4.82
CD1 DLE D 18 9.07 -29.42 4.31
CD2 DLE D 18 10.89 -28.22 5.50
C DLE D 18 10.57 -33.24 5.97
O DLE D 18 9.58 -33.93 5.77
N DLY D 19 11.44 -33.47 6.97
CA DLY D 19 11.23 -34.56 7.90
C DLY D 19 11.12 -35.88 7.15
O DLY D 19 10.26 -36.69 7.44
CB DLY D 19 12.33 -34.62 8.96
CG DLY D 19 11.95 -35.40 10.21
CD DLY D 19 13.07 -35.54 11.23
CE DLY D 19 13.61 -36.95 11.34
NZ DLY D 19 14.36 -37.16 12.60
N DLY D 20 11.97 -36.07 6.12
CA DLY D 20 12.02 -37.31 5.36
C DLY D 20 10.69 -37.54 4.63
O DLY D 20 10.35 -38.68 4.34
CB DLY D 20 13.16 -37.28 4.33
CG DLY D 20 13.68 -38.65 3.92
CD DLY D 20 13.52 -38.96 2.44
CE DLY D 20 14.72 -39.69 1.85
NZ DLY D 20 15.12 -40.86 2.67
N DAL D 21 9.99 -36.44 4.29
CA DAL D 21 8.73 -36.53 3.57
CB DAL D 21 8.61 -35.35 2.63
C DAL D 21 7.55 -36.60 4.54
O DAL D 21 6.41 -36.79 4.11
N GLY D 22 7.81 -36.43 5.85
CA GLY D 22 6.80 -36.60 6.88
C GLY D 22 6.21 -35.28 7.41
N DIL D 23 6.86 -34.14 7.11
CA DIL D 23 6.35 -32.84 7.53
C DIL D 23 7.18 -32.34 8.71
O DIL D 23 8.35 -31.99 8.54
CB DIL D 23 6.35 -31.81 6.38
CG1 DIL D 23 5.91 -32.40 5.04
CG2 DIL D 23 5.51 -30.61 6.75
CD1 DIL D 23 6.72 -31.91 3.85
N DTH D 24 6.55 -32.27 9.88
CA DTH D 24 7.28 -32.03 11.12
CB DTH D 24 7.42 -33.34 11.89
CG2 DTH D 24 6.11 -34.06 12.08
OG1 DTH D 24 8.02 -33.05 13.17
C DTH D 24 6.61 -30.95 11.99
O DTH D 24 7.18 -30.55 12.99
N DGL D 25 5.41 -30.51 11.61
CA DGL D 25 4.68 -29.50 12.35
C DGL D 25 5.58 -28.28 12.56
O DGL D 25 6.09 -27.72 11.58
CB DGL D 25 3.40 -29.15 11.60
CG DGL D 25 2.31 -28.54 12.45
CD DGL D 25 2.65 -27.16 13.01
OE1 DGL D 25 2.24 -26.88 14.13
OE2 DGL D 25 3.34 -26.39 12.31
N DPR D 26 5.79 -27.79 13.81
CA DPR D 26 6.90 -26.87 14.08
CB DPR D 26 7.09 -26.93 15.61
CG DPR D 26 6.09 -27.98 16.10
CD DPR D 26 5.03 -28.08 15.03
C DPR D 26 6.71 -25.41 13.66
O DPR D 26 7.69 -24.68 13.60
N DHI D 27 5.46 -24.99 13.41
CA DHI D 27 5.22 -23.66 12.84
C DHI D 27 5.70 -23.64 11.39
O DHI D 27 6.27 -22.66 10.93
CB DHI D 27 3.73 -23.27 12.95
CG DHI D 27 3.23 -23.15 14.35
ND1 DHI D 27 2.81 -24.24 15.09
CD2 DHI D 27 3.10 -22.08 15.16
CE1 DHI D 27 2.52 -23.86 16.31
NE2 DHI D 27 2.80 -22.56 16.41
N DVA D 28 5.47 -24.77 10.69
CA DVA D 28 5.89 -24.95 9.32
CB DVA D 28 5.37 -26.28 8.74
CG1 DVA D 28 3.86 -26.39 8.84
CG2 DVA D 28 5.82 -26.50 7.30
C DVA D 28 7.42 -24.88 9.28
O DVA D 28 7.99 -24.11 8.51
N DIL D 29 8.05 -25.67 10.14
CA DIL D 29 9.50 -25.72 10.27
C DIL D 29 10.03 -24.32 10.57
O DIL D 29 10.92 -23.83 9.86
CB DIL D 29 9.91 -26.74 11.36
CG1 DIL D 29 9.49 -28.17 11.01
CG2 DIL D 29 11.40 -26.65 11.67
CD1 DIL D 29 9.48 -28.51 9.54
N DSN D 30 9.50 -23.66 11.60
CA DSN D 30 9.97 -22.33 11.96
C DSN D 30 9.81 -21.35 10.79
O DSN D 30 10.63 -20.43 10.64
CB DSN D 30 9.28 -21.82 13.20
OG DSN D 30 7.87 -21.85 13.03
N DPN D 31 8.79 -21.54 9.96
CA DPN D 31 8.54 -20.67 8.82
C DPN D 31 9.70 -20.71 7.83
O DPN D 31 10.05 -19.69 7.24
CB DPN D 31 7.24 -21.05 8.12
CG DPN D 31 6.72 -20.00 7.17
CD1 DPN D 31 6.67 -20.25 5.80
CD2 DPN D 31 6.28 -18.78 7.64
CE1 DPN D 31 6.19 -19.28 4.93
CE2 DPN D 31 5.81 -17.81 6.77
CZ DPN D 31 5.76 -18.06 5.42
N DIL D 32 10.26 -21.91 7.62
CA DIL D 32 11.43 -22.05 6.76
C DIL D 32 12.65 -21.54 7.50
O DIL D 32 13.54 -20.95 6.91
CB DIL D 32 11.63 -23.50 6.29
CG1 DIL D 32 10.67 -23.87 5.16
CG2 DIL D 32 13.07 -23.75 5.87
CD1 DIL D 32 9.53 -24.76 5.62
N DSG D 33 12.70 -21.79 8.81
CA DSG D 33 13.85 -21.40 9.62
C DSG D 33 14.02 -19.88 9.67
O DSG D 33 15.14 -19.42 9.86
CB DSG D 33 13.75 -21.97 11.03
CG DSG D 33 14.76 -23.07 11.28
OD1 DSG D 33 15.95 -22.91 10.99
ND2 DSG D 33 14.30 -24.19 11.82
N DHI D 34 12.94 -19.12 9.52
CA DHI D 34 13.04 -17.67 9.62
C DHI D 34 12.80 -16.98 8.28
O DHI D 34 12.56 -15.78 8.24
CB DHI D 34 12.09 -17.17 10.73
CG DHI D 34 12.54 -17.61 12.08
ND1 DHI D 34 13.60 -17.02 12.73
CD2 DHI D 34 12.15 -18.63 12.86
CE1 DHI D 34 14.06 -17.86 13.63
NE2 DHI D 34 13.17 -18.86 13.75
N DAL D 35 12.89 -17.74 7.17
CA DAL D 35 13.02 -17.12 5.86
CB DAL D 35 12.79 -18.17 4.79
C DAL D 35 14.40 -16.47 5.76
O DAL D 35 15.35 -16.95 6.36
N DPR D 36 14.57 -15.31 5.08
CA DPR D 36 15.86 -14.62 5.10
CB DPR D 36 15.36 -13.17 5.12
CG DPR D 36 14.19 -13.19 4.15
CD DPR D 36 13.54 -14.55 4.37
C DPR D 36 16.82 -14.83 3.92
O DPR D 36 17.95 -14.34 3.96
N DTY D 37 16.38 -15.57 2.89
CA DTY D 37 17.19 -15.82 1.73
C DTY D 37 17.17 -17.31 1.38
O DTY D 37 16.23 -18.01 1.69
CB DTY D 37 16.69 -15.02 0.53
CG DTY D 37 16.62 -13.53 0.74
CD1 DTY D 37 17.70 -12.82 1.23
CD2 DTY D 37 15.47 -12.82 0.40
CE1 DTY D 37 17.64 -11.45 1.42
CE2 DTY D 37 15.40 -11.44 0.58
CZ DTY D 37 16.50 -10.76 1.08
OH DTY D 37 16.45 -9.41 1.25
N DVA D 38 18.23 -17.77 0.69
CA DVA D 38 18.30 -19.14 0.22
CB DVA D 38 19.69 -19.46 -0.37
CG1 DVA D 38 20.75 -19.61 0.71
CG2 DVA D 38 19.66 -20.71 -1.25
C DVA D 38 17.21 -19.43 -0.79
O DVA D 38 16.63 -20.52 -0.78
N DSN D 39 16.93 -18.45 -1.67
CA DSN D 39 15.90 -18.59 -2.69
C DSN D 39 14.53 -18.83 -2.03
O DSN D 39 13.76 -19.64 -2.52
CB DSN D 39 15.88 -17.37 -3.60
OG DSN D 39 15.76 -16.16 -2.87
N DHI D 40 14.26 -18.12 -0.94
CA DHI D 40 13.03 -18.30 -0.19
C DHI D 40 12.98 -19.68 0.46
O DHI D 40 11.96 -20.37 0.38
CB DHI D 40 12.90 -17.21 0.89
CG DHI D 40 12.56 -15.87 0.37
ND1 DHI D 40 11.99 -14.89 1.17
CD2 DHI D 40 12.70 -15.31 -0.86
CE1 DHI D 40 11.80 -13.81 0.45
NE2 DHI D 40 12.15 -14.06 -0.81
N DVA D 41 14.07 -20.08 1.11
CA DVA D 41 14.15 -21.38 1.76
CB DVA D 41 15.53 -21.63 2.40
CG1 DVA D 41 15.79 -20.70 3.58
CG2 DVA D 41 15.71 -23.08 2.85
C DVA D 41 13.84 -22.46 0.71
O DVA D 41 13.05 -23.35 0.99
N DSG D 42 14.43 -22.36 -0.48
CA DSG D 42 14.36 -23.44 -1.46
C DSG D 42 13.01 -23.43 -2.15
O DSG D 42 12.41 -24.49 -2.34
CB DSG D 42 15.53 -23.37 -2.45
CG DSG D 42 16.81 -23.94 -1.86
OD1 DSG D 42 17.89 -23.40 -2.09
ND2 DSG D 42 16.69 -25.02 -1.11
N GLY D 43 12.54 -22.25 -2.54
CA GLY D 43 11.22 -22.11 -3.14
C GLY D 43 10.11 -22.64 -2.21
N DLE D 44 10.20 -22.29 -0.93
CA DLE D 44 9.24 -22.75 0.06
CB DLE D 44 9.54 -22.06 1.39
CG DLE D 44 8.64 -20.87 1.72
CD1 DLE D 44 7.46 -21.35 2.55
CD2 DLE D 44 9.40 -19.77 2.42
C DLE D 44 9.30 -24.26 0.22
O DLE D 44 8.28 -24.94 0.27
N DLY D 45 10.53 -24.78 0.33
CA DLY D 45 10.78 -26.21 0.45
C DLY D 45 10.04 -26.97 -0.64
O DLY D 45 9.20 -27.82 -0.36
CB DLY D 45 12.29 -26.48 0.39
CG DLY D 45 12.71 -27.84 -0.16
CD DLY D 45 14.22 -27.99 -0.25
CE DLY D 45 14.76 -27.96 -1.67
NZ DLY D 45 14.64 -29.28 -2.33
N DSG D 46 10.36 -26.63 -1.89
CA DSG D 46 9.89 -27.37 -3.05
C DSG D 46 8.36 -27.28 -3.12
O DSG D 46 7.69 -28.28 -3.40
CB DSG D 46 10.55 -26.87 -4.33
CG DSG D 46 12.05 -27.13 -4.37
OD1 DSG D 46 12.54 -28.06 -3.73
ND2 DSG D 46 12.80 -26.30 -5.07
N DAL D 47 7.83 -26.10 -2.81
CA DAL D 47 6.40 -25.86 -2.91
CB DAL D 47 6.09 -24.39 -2.74
C DAL D 47 5.63 -26.72 -1.90
O DAL D 47 4.61 -27.30 -2.25
N DIL D 48 6.12 -26.79 -0.66
CA DIL D 48 5.42 -27.55 0.37
C DIL D 48 5.56 -29.06 0.09
O DIL D 48 4.63 -29.80 0.35
CB DIL D 48 5.93 -27.18 1.78
CG1 DIL D 48 5.72 -25.69 2.07
CG2 DIL D 48 5.26 -28.05 2.84
CD1 DIL D 48 6.72 -25.11 3.05
N DLE D 49 6.70 -29.49 -0.46
CA DLE D 49 6.90 -30.90 -0.78
CB DLE D 49 8.36 -31.14 -1.17
CG DLE D 49 9.35 -31.19 -0.01
CD1 DLE D 49 9.18 -32.46 0.81
CD2 DLE D 49 10.78 -31.06 -0.50
C DLE D 49 5.94 -31.32 -1.90
O DLE D 49 5.24 -32.31 -1.76
N DLY D 50 5.93 -30.55 -3.00
CA DLY D 50 5.08 -30.86 -4.14
C DLY D 50 3.64 -31.00 -3.67
O DLY D 50 3.04 -32.08 -3.80
CB DLY D 50 5.18 -29.75 -5.20
CG DLY D 50 6.18 -30.01 -6.32
CD DLY D 50 5.54 -30.09 -7.71
CE DLY D 50 6.33 -30.92 -8.70
NZ DLY D 50 6.45 -32.34 -8.28
N DAL D 51 3.09 -29.93 -3.10
CA DAL D 51 1.71 -29.85 -2.66
CB DAL D 51 1.49 -28.56 -1.92
C DAL D 51 1.34 -31.06 -1.80
O DAL D 51 0.26 -31.62 -1.96
N DHI D 52 2.22 -31.40 -0.85
CA DHI D 52 2.04 -32.58 0.00
C DHI D 52 1.94 -33.83 -0.86
O DHI D 52 0.98 -34.60 -0.73
CB DHI D 52 3.17 -32.66 1.03
CG DHI D 52 2.94 -33.65 2.13
ND1 DHI D 52 1.76 -33.73 2.84
CD2 DHI D 52 3.75 -34.60 2.65
CE1 DHI D 52 1.99 -34.41 3.96
NE2 DHI D 52 3.18 -35.00 3.83
N DAL D 53 2.92 -34.03 -1.74
CA DAL D 53 2.92 -35.16 -2.67
CB DAL D 53 4.29 -35.30 -3.30
C DAL D 53 1.83 -34.96 -3.72
O DAL D 53 1.35 -35.95 -4.29
#